data_5SBX
#
_entry.id   5SBX
#
_cell.length_a   30.958
_cell.length_b   81.943
_cell.length_c   32.218
_cell.angle_alpha   90.000
_cell.angle_beta   117.820
_cell.angle_gamma   90.000
#
_symmetry.space_group_name_H-M   'P 1 21 1'
#
loop_
_entity.id
_entity.type
_entity.pdbx_description
1 polymer 'CD44 antigen'
2 non-polymer N-cyclopentylmethanesulfonamide
3 non-polymer DI(HYDROXYETHYL)ETHER
4 non-polymer 'DIMETHYL SULFOXIDE'
5 non-polymer 1,2-ETHANEDIOL
6 water water
#
_entity_poly.entity_id   1
_entity_poly.type   'polypeptide(L)'
_entity_poly.pdbx_seq_one_letter_code
;MNQIDLNVTCRYAGVFHVEKNGRYSISRTEAADLCQAFNSTLPTMDQMKLALSKGFETCRYGFIEGNVVIPRIHPNAICA
ANHTGVYILVTSNTSHYDTYCFNASAPPEEDCTSVTDLPNSFDGPVTITIVNRDGTRYSKKGEYRTHQEDID
;
_entity_poly.pdbx_strand_id   A
#
# COMPACT_ATOMS: atom_id res chain seq x y z
N ASN A 2 -5.09 10.51 -18.46
CA ASN A 2 -4.59 10.88 -17.13
C ASN A 2 -5.15 9.87 -16.14
N GLN A 3 -4.39 8.80 -15.92
CA GLN A 3 -4.88 7.65 -15.19
C GLN A 3 -3.85 7.07 -14.26
N ILE A 4 -4.29 6.65 -13.07
CA ILE A 4 -3.45 5.97 -12.09
C ILE A 4 -4.15 4.71 -11.69
N ASP A 5 -3.43 3.56 -11.71
N ASP A 5 -3.42 3.60 -11.67
CA ASP A 5 -3.91 2.26 -11.23
CA ASP A 5 -3.95 2.36 -11.17
C ASP A 5 -3.30 2.00 -9.86
C ASP A 5 -3.30 2.06 -9.82
N LEU A 6 -4.12 1.63 -8.89
CA LEU A 6 -3.68 1.32 -7.53
C LEU A 6 -4.12 -0.10 -7.23
N ASN A 7 -3.14 -1.03 -7.26
CA ASN A 7 -3.43 -2.43 -6.92
C ASN A 7 -3.34 -2.58 -5.42
N VAL A 8 -4.40 -3.12 -4.81
CA VAL A 8 -4.49 -3.25 -3.35
C VAL A 8 -4.68 -4.69 -2.94
N THR A 9 -4.35 -5.01 -1.69
CA THR A 9 -4.48 -6.32 -1.12
C THR A 9 -5.60 -6.41 -0.11
N CYS A 10 -5.81 -7.65 0.40
CA CYS A 10 -6.47 -7.91 1.69
C CYS A 10 -5.86 -6.99 2.76
N ARG A 11 -6.68 -6.71 3.76
CA ARG A 11 -6.19 -6.02 4.96
C ARG A 11 -5.99 -7.06 6.07
N TYR A 12 -4.92 -6.90 6.84
CA TYR A 12 -4.61 -7.74 7.99
C TYR A 12 -4.42 -6.84 9.17
N ALA A 13 -5.34 -6.91 10.15
CA ALA A 13 -5.29 -5.96 11.28
C ALA A 13 -5.16 -4.50 10.77
N GLY A 14 -5.91 -4.22 9.68
CA GLY A 14 -5.96 -2.89 9.07
C GLY A 14 -4.84 -2.55 8.12
N VAL A 15 -3.82 -3.39 7.99
CA VAL A 15 -2.68 -3.08 7.15
C VAL A 15 -2.86 -3.70 5.77
N PHE A 16 -2.54 -2.95 4.72
CA PHE A 16 -2.63 -3.43 3.34
C PHE A 16 -1.50 -2.85 2.53
N HIS A 17 -1.28 -3.44 1.36
CA HIS A 17 -0.24 -3.04 0.40
C HIS A 17 -0.92 -2.36 -0.81
N VAL A 18 -0.25 -1.32 -1.30
CA VAL A 18 -0.69 -0.59 -2.48
C VAL A 18 0.49 -0.46 -3.43
N GLU A 19 0.30 -0.91 -4.69
CA GLU A 19 1.27 -0.79 -5.77
C GLU A 19 0.68 0.14 -6.82
N LYS A 20 1.43 1.16 -7.20
CA LYS A 20 0.96 2.15 -8.18
CA LYS A 20 0.95 2.12 -8.19
C LYS A 20 1.50 1.82 -9.57
N ASN A 21 0.58 1.75 -10.54
CA ASN A 21 0.93 1.59 -11.95
C ASN A 21 1.83 0.42 -12.26
N GLY A 22 1.69 -0.62 -11.47
CA GLY A 22 2.39 -1.86 -11.74
C GLY A 22 3.90 -1.81 -11.65
N ARG A 23 4.48 -0.83 -10.95
CA ARG A 23 5.91 -0.78 -10.78
CA ARG A 23 5.92 -0.60 -10.87
C ARG A 23 6.23 0.04 -9.54
N TYR A 24 7.47 -0.09 -9.04
CA TYR A 24 7.90 0.72 -7.88
C TYR A 24 7.91 2.18 -8.33
N SER A 25 7.01 2.99 -7.79
CA SER A 25 6.84 4.35 -8.35
C SER A 25 6.34 5.37 -7.37
N ILE A 26 6.36 5.05 -6.04
CA ILE A 26 5.85 5.96 -5.02
C ILE A 26 6.99 6.53 -4.20
N SER A 27 7.01 7.84 -3.99
CA SER A 27 7.94 8.48 -3.07
C SER A 27 7.38 8.43 -1.66
N ARG A 28 8.21 8.73 -0.65
CA ARG A 28 7.70 8.71 0.73
C ARG A 28 6.57 9.76 0.91
N THR A 29 6.74 10.96 0.33
CA THR A 29 5.67 11.98 0.46
C THR A 29 4.40 11.55 -0.24
N GLU A 30 4.52 10.95 -1.43
CA GLU A 30 3.32 10.47 -2.14
CA GLU A 30 3.33 10.48 -2.11
C GLU A 30 2.65 9.37 -1.32
N ALA A 31 3.44 8.49 -0.69
CA ALA A 31 2.91 7.38 0.08
C ALA A 31 1.99 7.87 1.19
N ALA A 32 2.45 8.89 1.95
CA ALA A 32 1.61 9.40 3.03
C ALA A 32 0.30 9.96 2.48
N ASP A 33 0.41 10.69 1.35
CA ASP A 33 -0.80 11.26 0.75
C ASP A 33 -1.75 10.19 0.23
N LEU A 34 -1.19 9.14 -0.36
CA LEU A 34 -1.99 8.05 -0.88
CA LEU A 34 -1.97 8.04 -0.90
C LEU A 34 -2.72 7.36 0.25
N CYS A 35 -2.02 7.05 1.35
CA CYS A 35 -2.73 6.42 2.47
C CYS A 35 -3.84 7.33 3.01
N GLN A 36 -3.57 8.65 3.05
CA GLN A 36 -4.60 9.60 3.51
C GLN A 36 -5.87 9.51 2.66
N ALA A 37 -5.73 9.27 1.35
CA ALA A 37 -6.90 9.15 0.49
C ALA A 37 -7.73 7.91 0.80
N PHE A 38 -7.11 6.89 1.43
CA PHE A 38 -7.79 5.70 1.94
C PHE A 38 -8.20 5.89 3.43
N ASN A 39 -8.24 7.13 3.95
CA ASN A 39 -8.52 7.35 5.38
C ASN A 39 -7.57 6.51 6.26
N SER A 40 -6.30 6.44 5.82
CA SER A 40 -5.30 5.58 6.41
C SER A 40 -4.00 6.34 6.62
N THR A 41 -3.07 5.71 7.33
CA THR A 41 -1.77 6.26 7.60
C THR A 41 -0.70 5.25 7.25
N LEU A 42 0.56 5.69 7.17
CA LEU A 42 1.64 4.69 7.01
CA LEU A 42 1.66 4.73 7.03
C LEU A 42 1.67 3.88 8.31
N PRO A 43 1.75 2.54 8.23
CA PRO A 43 1.75 1.74 9.46
C PRO A 43 2.98 2.03 10.31
N THR A 44 2.82 1.91 11.64
CA THR A 44 4.01 1.82 12.49
C THR A 44 4.60 0.42 12.34
N MET A 45 5.84 0.25 12.80
CA MET A 45 6.47 -1.08 12.79
C MET A 45 5.62 -2.04 13.67
N ASP A 46 5.10 -1.56 14.86
CA ASP A 46 4.28 -2.45 15.67
C ASP A 46 2.98 -2.87 14.94
N GLN A 47 2.33 -1.93 14.23
CA GLN A 47 1.13 -2.28 13.47
C GLN A 47 1.46 -3.32 12.40
N MET A 48 2.59 -3.15 11.71
CA MET A 48 3.00 -4.09 10.66
C MET A 48 3.30 -5.46 11.26
N LYS A 49 4.01 -5.50 12.41
CA LYS A 49 4.27 -6.80 13.04
C LYS A 49 2.99 -7.53 13.42
N LEU A 50 1.98 -6.80 13.90
CA LEU A 50 0.72 -7.47 14.25
C LEU A 50 0.06 -8.00 12.98
N ALA A 51 0.07 -7.20 11.90
CA ALA A 51 -0.50 -7.66 10.61
C ALA A 51 0.18 -8.94 10.12
N LEU A 52 1.52 -8.98 10.17
CA LEU A 52 2.31 -10.16 9.84
CA LEU A 52 2.24 -10.17 9.78
C LEU A 52 1.79 -11.39 10.61
N SER A 53 1.58 -11.19 11.93
CA SER A 53 1.14 -12.30 12.78
C SER A 53 -0.22 -12.83 12.40
N LYS A 54 -1.06 -12.01 11.77
CA LYS A 54 -2.40 -12.39 11.32
C LYS A 54 -2.42 -13.02 9.92
N GLY A 55 -1.28 -13.08 9.25
CA GLY A 55 -1.21 -13.72 7.93
C GLY A 55 -0.72 -12.84 6.79
N PHE A 56 -0.28 -11.61 7.05
CA PHE A 56 0.15 -10.71 5.97
C PHE A 56 1.56 -10.99 5.50
N GLU A 57 1.71 -11.23 4.18
CA GLU A 57 3.02 -11.22 3.57
C GLU A 57 2.89 -10.69 2.16
N THR A 58 3.97 -10.09 1.67
CA THR A 58 4.07 -9.67 0.25
C THR A 58 5.46 -10.04 -0.25
N CYS A 59 5.71 -9.78 -1.54
CA CYS A 59 7.04 -9.91 -2.09
C CYS A 59 7.48 -8.57 -2.69
N ARG A 60 7.08 -7.45 -2.06
CA ARG A 60 7.38 -6.11 -2.58
C ARG A 60 7.80 -5.16 -1.48
N TYR A 61 8.84 -4.37 -1.76
CA TYR A 61 9.23 -3.30 -0.83
C TYR A 61 8.15 -2.23 -0.75
N GLY A 62 7.87 -1.76 0.45
CA GLY A 62 6.95 -0.64 0.61
C GLY A 62 7.22 0.15 1.86
N PHE A 63 6.85 1.43 1.83
CA PHE A 63 7.01 2.28 3.00
C PHE A 63 6.11 1.85 4.15
N ILE A 64 6.70 1.95 5.36
CA ILE A 64 5.95 2.11 6.61
C ILE A 64 6.51 3.41 7.22
N GLU A 65 6.04 3.78 8.43
CA GLU A 65 6.64 4.91 9.10
C GLU A 65 8.12 4.56 9.44
N GLY A 66 9.05 5.34 8.96
CA GLY A 66 10.44 5.20 9.31
C GLY A 66 11.28 4.28 8.47
N ASN A 67 10.71 3.30 7.75
CA ASN A 67 11.51 2.34 7.02
C ASN A 67 10.77 1.88 5.78
N VAL A 68 11.49 1.13 4.94
CA VAL A 68 10.95 0.42 3.78
C VAL A 68 11.10 -1.08 4.08
N VAL A 69 10.02 -1.85 3.94
CA VAL A 69 10.00 -3.22 4.43
C VAL A 69 9.30 -4.18 3.49
N ILE A 70 9.46 -5.46 3.77
CA ILE A 70 8.71 -6.56 3.16
C ILE A 70 8.27 -7.47 4.30
N PRO A 71 6.96 -7.64 4.59
CA PRO A 71 6.54 -8.65 5.57
C PRO A 71 6.62 -10.04 4.93
N ARG A 72 7.27 -10.98 5.63
CA ARG A 72 7.44 -12.35 5.13
C ARG A 72 7.05 -13.38 6.17
N ILE A 73 6.23 -14.31 5.75
CA ILE A 73 5.87 -15.46 6.58
C ILE A 73 6.69 -16.68 6.14
N HIS A 74 6.60 -17.01 4.86
CA HIS A 74 7.26 -18.20 4.34
C HIS A 74 8.55 -17.84 3.67
N PRO A 75 9.66 -18.55 3.97
CA PRO A 75 10.91 -18.24 3.27
C PRO A 75 10.79 -18.49 1.78
N ASN A 76 11.20 -17.50 1.01
CA ASN A 76 11.24 -17.64 -0.45
C ASN A 76 12.52 -16.94 -0.90
N ALA A 77 13.38 -17.64 -1.67
CA ALA A 77 14.68 -17.10 -2.06
C ALA A 77 14.65 -15.79 -2.82
N ILE A 78 13.55 -15.52 -3.54
CA ILE A 78 13.45 -14.28 -4.31
C ILE A 78 12.62 -13.20 -3.63
N CYS A 79 12.23 -13.40 -2.36
CA CYS A 79 11.49 -12.42 -1.60
C CYS A 79 12.25 -12.13 -0.34
N ALA A 80 12.89 -10.96 -0.24
CA ALA A 80 13.62 -10.56 0.97
C ALA A 80 14.73 -11.53 1.34
N ALA A 81 15.44 -12.03 0.32
CA ALA A 81 16.58 -12.92 0.52
C ALA A 81 16.31 -14.10 1.49
N ASN A 82 15.13 -14.72 1.37
CA ASN A 82 14.73 -15.89 2.15
C ASN A 82 14.44 -15.62 3.63
N HIS A 83 14.36 -14.35 4.02
CA HIS A 83 14.09 -14.01 5.40
C HIS A 83 12.62 -14.17 5.73
N THR A 84 12.34 -14.29 7.03
CA THR A 84 10.99 -14.22 7.56
C THR A 84 10.91 -13.04 8.55
N GLY A 85 9.70 -12.67 8.91
CA GLY A 85 9.46 -11.53 9.76
C GLY A 85 9.32 -10.27 8.91
N VAL A 86 9.29 -9.11 9.56
CA VAL A 86 9.27 -7.84 8.85
C VAL A 86 10.70 -7.56 8.41
N TYR A 87 11.00 -7.79 7.13
CA TYR A 87 12.34 -7.58 6.59
C TYR A 87 12.53 -6.10 6.31
N ILE A 88 13.59 -5.51 6.82
CA ILE A 88 13.87 -4.10 6.65
C ILE A 88 14.92 -3.89 5.60
N LEU A 89 14.62 -3.09 4.58
CA LEU A 89 15.60 -2.70 3.58
C LEU A 89 16.66 -1.85 4.23
N VAL A 90 17.93 -2.25 4.06
CA VAL A 90 19.05 -1.50 4.64
C VAL A 90 19.73 -0.63 3.62
N THR A 91 20.14 -1.20 2.46
CA THR A 91 20.96 -0.48 1.51
C THR A 91 20.32 -0.45 0.14
N SER A 92 20.06 0.77 -0.34
CA SER A 92 19.52 0.96 -1.69
C SER A 92 19.97 2.30 -2.21
N ASN A 93 20.22 2.39 -3.51
CA ASN A 93 20.52 3.69 -4.11
C ASN A 93 19.29 4.56 -4.26
N THR A 94 18.11 3.97 -4.37
CA THR A 94 16.92 4.59 -4.94
C THR A 94 15.83 4.87 -3.94
N SER A 95 14.84 5.69 -4.35
CA SER A 95 13.91 6.29 -3.40
C SER A 95 12.45 5.91 -3.58
N HIS A 96 12.09 5.17 -4.65
CA HIS A 96 10.69 4.92 -4.99
C HIS A 96 10.32 3.47 -4.79
N TYR A 97 9.23 3.23 -4.06
CA TYR A 97 8.83 1.88 -3.70
C TYR A 97 7.31 1.78 -3.84
N ASP A 98 6.72 0.70 -3.33
CA ASP A 98 5.29 0.64 -3.13
C ASP A 98 4.99 1.27 -1.75
N THR A 99 3.76 1.19 -1.26
CA THR A 99 3.50 1.60 0.11
C THR A 99 2.65 0.59 0.82
N TYR A 100 2.75 0.60 2.15
CA TYR A 100 1.75 0.02 3.01
C TYR A 100 0.91 1.15 3.59
N CYS A 101 -0.31 0.80 3.98
CA CYS A 101 -1.27 1.72 4.62
C CYS A 101 -1.93 0.99 5.75
N PHE A 102 -2.44 1.74 6.73
CA PHE A 102 -3.11 1.23 7.92
C PHE A 102 -4.42 1.99 8.11
N ASN A 103 -5.52 1.25 8.11
CA ASN A 103 -6.84 1.79 8.35
C ASN A 103 -7.37 1.23 9.69
N ALA A 104 -7.54 2.10 10.67
CA ALA A 104 -7.94 1.71 12.01
C ALA A 104 -9.30 1.15 12.11
N SER A 105 -10.19 1.45 11.15
CA SER A 105 -11.58 1.01 11.14
CA SER A 105 -11.57 0.95 11.24
C SER A 105 -11.79 -0.37 10.47
N ALA A 106 -10.72 -0.96 9.92
CA ALA A 106 -10.82 -2.26 9.26
C ALA A 106 -11.00 -3.35 10.33
N PRO A 107 -11.34 -4.57 9.92
CA PRO A 107 -11.50 -5.68 10.89
C PRO A 107 -10.15 -6.02 11.57
N PRO A 108 -10.22 -6.67 12.74
CA PRO A 108 -8.99 -6.92 13.50
C PRO A 108 -8.06 -7.97 12.92
N GLU A 109 -8.58 -8.92 12.13
CA GLU A 109 -7.73 -10.00 11.65
C GLU A 109 -7.66 -9.94 10.10
N GLU A 110 -7.82 -11.07 9.42
CA GLU A 110 -7.74 -11.06 7.96
C GLU A 110 -9.05 -10.59 7.36
N ASP A 111 -8.97 -9.60 6.47
CA ASP A 111 -10.12 -9.11 5.73
C ASP A 111 -9.77 -9.18 4.24
N CYS A 112 -10.22 -10.26 3.59
CA CYS A 112 -9.96 -10.46 2.18
C CYS A 112 -11.16 -10.12 1.32
N THR A 113 -12.02 -9.23 1.81
CA THR A 113 -13.02 -8.61 0.94
C THR A 113 -12.30 -7.57 0.08
N SER A 114 -12.95 -7.16 -1.01
CA SER A 114 -12.41 -6.16 -1.90
C SER A 114 -12.57 -4.73 -1.36
N VAL A 115 -11.74 -3.85 -1.88
CA VAL A 115 -11.80 -2.41 -1.61
C VAL A 115 -12.65 -1.79 -2.72
N THR A 116 -13.70 -1.06 -2.32
CA THR A 116 -14.73 -0.54 -3.23
C THR A 116 -14.92 0.97 -3.11
N ASP A 117 -13.93 1.69 -2.56
CA ASP A 117 -14.03 3.13 -2.42
C ASP A 117 -12.64 3.71 -2.20
N LEU A 118 -12.47 5.01 -2.53
CA LEU A 118 -11.25 5.79 -2.26
C LEU A 118 -11.85 7.01 -1.57
N PRO A 119 -12.16 6.88 -0.25
CA PRO A 119 -13.09 7.81 0.39
C PRO A 119 -12.65 9.22 0.63
N ASN A 120 -11.34 9.42 0.65
CA ASN A 120 -10.81 10.70 1.02
C ASN A 120 -9.92 11.31 -0.04
N SER A 121 -10.11 10.93 -1.32
CA SER A 121 -9.46 11.66 -2.38
C SER A 121 -10.12 13.05 -2.52
N PHE A 122 -9.42 13.95 -3.16
CA PHE A 122 -9.93 15.30 -3.34
C PHE A 122 -10.21 15.56 -4.80
N ASP A 123 -10.84 16.71 -5.07
CA ASP A 123 -11.20 17.06 -6.45
C ASP A 123 -9.94 17.09 -7.31
N GLY A 124 -10.05 16.60 -8.54
CA GLY A 124 -8.91 16.68 -9.44
C GLY A 124 -9.21 16.01 -10.76
N PRO A 125 -8.22 15.97 -11.65
CA PRO A 125 -8.48 15.54 -13.03
C PRO A 125 -8.13 14.11 -13.38
N VAL A 126 -7.57 13.36 -12.43
CA VAL A 126 -7.04 12.02 -12.72
C VAL A 126 -8.10 10.95 -12.58
N THR A 127 -8.14 9.99 -13.52
CA THR A 127 -8.97 8.80 -13.32
C THR A 127 -8.16 7.83 -12.46
N ILE A 128 -8.59 7.63 -11.24
CA ILE A 128 -7.91 6.75 -10.31
C ILE A 128 -8.71 5.46 -10.22
N THR A 129 -8.04 4.33 -10.49
CA THR A 129 -8.69 3.04 -10.47
C THR A 129 -8.07 2.15 -9.39
N ILE A 130 -8.90 1.70 -8.47
CA ILE A 130 -8.52 0.71 -7.46
CA ILE A 130 -8.54 0.75 -7.46
C ILE A 130 -8.74 -0.65 -8.08
N VAL A 131 -7.67 -1.44 -8.11
CA VAL A 131 -7.69 -2.78 -8.67
C VAL A 131 -7.46 -3.79 -7.57
N ASN A 132 -8.45 -4.64 -7.35
CA ASN A 132 -8.33 -5.70 -6.36
C ASN A 132 -7.61 -6.90 -6.94
N ARG A 133 -7.15 -7.82 -6.08
CA ARG A 133 -6.45 -9.00 -6.54
CA ARG A 133 -6.44 -9.00 -6.56
C ARG A 133 -7.38 -9.91 -7.34
N ASP A 134 -8.69 -9.90 -7.02
CA ASP A 134 -9.67 -10.67 -7.78
C ASP A 134 -10.12 -9.94 -9.06
N GLY A 135 -9.48 -8.82 -9.41
CA GLY A 135 -9.72 -8.10 -10.65
C GLY A 135 -10.84 -7.09 -10.55
N THR A 136 -11.65 -7.12 -9.50
CA THR A 136 -12.72 -6.14 -9.37
C THR A 136 -12.14 -4.75 -9.22
N ARG A 137 -12.79 -3.76 -9.84
CA ARG A 137 -12.31 -2.41 -9.91
CA ARG A 137 -12.29 -2.41 -9.89
C ARG A 137 -13.31 -1.38 -9.43
N TYR A 138 -12.77 -0.27 -8.91
CA TYR A 138 -13.54 0.90 -8.49
C TYR A 138 -12.79 2.10 -9.05
N SER A 139 -13.46 2.97 -9.78
CA SER A 139 -12.78 4.14 -10.35
C SER A 139 -13.47 5.41 -9.98
N LYS A 140 -12.69 6.47 -9.86
CA LYS A 140 -13.24 7.82 -9.61
CA LYS A 140 -13.16 7.79 -9.43
C LYS A 140 -12.26 8.87 -10.09
N LYS A 141 -12.82 10.01 -10.46
CA LYS A 141 -12.00 11.13 -10.91
C LYS A 141 -11.56 11.92 -9.69
N GLY A 142 -10.28 12.22 -9.56
CA GLY A 142 -9.83 13.00 -8.43
C GLY A 142 -8.34 13.21 -8.41
N GLU A 143 -7.82 13.43 -7.22
CA GLU A 143 -6.40 13.59 -6.98
C GLU A 143 -6.15 13.24 -5.53
N TYR A 144 -4.91 12.83 -5.22
CA TYR A 144 -4.50 12.60 -3.85
C TYR A 144 -3.14 13.21 -3.54
N ARG A 145 -2.35 13.61 -4.55
CA ARG A 145 -0.99 14.08 -4.34
C ARG A 145 -1.00 15.53 -3.98
N THR A 146 -0.39 15.88 -2.85
CA THR A 146 -0.33 17.26 -2.40
C THR A 146 1.01 17.92 -2.69
N HIS A 147 2.05 17.16 -3.07
CA HIS A 147 3.39 17.71 -3.36
C HIS A 147 3.60 17.77 -4.88
N GLN A 148 3.87 18.95 -5.45
CA GLN A 148 4.05 19.09 -6.91
C GLN A 148 5.14 18.19 -7.50
N GLU A 149 6.24 17.97 -6.76
CA GLU A 149 7.33 17.12 -7.22
C GLU A 149 6.89 15.67 -7.43
N ASP A 150 5.76 15.25 -6.81
CA ASP A 150 5.22 13.91 -7.01
C ASP A 150 4.28 13.83 -8.23
N ILE A 151 3.87 14.96 -8.81
CA ILE A 151 2.96 14.96 -9.95
C ILE A 151 3.69 15.05 -11.28
#